data_2G1W
#
_entry.id   2G1W
#
_entity_poly.entity_id   1
_entity_poly.type   'polyribonucleotide'
_entity_poly.pdbx_seq_one_letter_code
;GGGGUGGCUCCCCUAACAGCCG
;
_entity_poly.pdbx_strand_id   A
#